data_1FT4
#
_entry.id   1FT4
#
_cell.length_a   67.800
_cell.length_b   67.800
_cell.length_c   190.000
_cell.angle_alpha   90.00
_cell.angle_beta   90.00
_cell.angle_gamma   90.00
#
_symmetry.space_group_name_H-M   'P 41 21 2'
#
loop_
_entity.id
_entity.type
_entity.pdbx_description
1 polymer 'SOLUBLE TUMOR NECROSIS FACTOR RECEPTOR 1'
2 non-polymer 5-(3-MORPHOLIN-4-YL-PROPYL)-2-(3-NITRO-PHENYL)-4-THIOXO-4,5-DIHYDRO-1-THIA-3B,5-DIAZA-CYCLOPENTA[A]PENTALEN-6-ONE
#
_entity_poly.entity_id   1
_entity_poly.type   'polypeptide(L)'
_entity_poly.pdbx_seq_one_letter_code
;MDSVCPQGKYIHPQNNSICCTKCHKGTYLYNDCPGPGQDTDCRECESGSFTASENHLRHCLSCSKCRKEMGQVEISSCTV
DRDTVCGCRKNQYRHYWSENLFQCFNCSLCLNGTVHLSCQEKQNTVCTCHAGFFLRENECVSCSNCKKSLECTKLCLPQI
EN
;
_entity_poly.pdbx_strand_id   A,B
#
# COMPACT_ATOMS: atom_id res chain seq x y z
N MET A 1 1.53 -20.62 15.38
CA MET A 1 1.74 -21.72 16.31
C MET A 1 2.16 -21.02 17.60
N ASP A 2 1.30 -21.15 18.63
CA ASP A 2 0.58 -19.98 19.18
C ASP A 2 -0.36 -19.62 18.03
N SER A 3 -1.62 -19.97 18.18
CA SER A 3 -2.52 -19.91 17.03
C SER A 3 -3.91 -20.18 17.61
N VAL A 4 -4.85 -20.46 16.71
CA VAL A 4 -6.02 -21.23 17.12
C VAL A 4 -6.18 -22.18 15.94
N CYS A 5 -7.22 -22.00 15.09
CA CYS A 5 -7.13 -22.41 13.68
C CYS A 5 -5.86 -21.88 13.00
N PRO A 6 -5.48 -22.40 11.81
CA PRO A 6 -4.23 -21.85 11.26
C PRO A 6 -4.59 -20.73 10.27
N GLN A 7 -3.48 -20.34 9.62
CA GLN A 7 -3.46 -19.26 8.66
C GLN A 7 -4.46 -19.42 7.52
N GLY A 8 -5.48 -18.59 7.58
CA GLY A 8 -6.42 -18.73 6.48
C GLY A 8 -7.73 -19.29 6.99
N LYS A 9 -7.78 -19.53 8.31
CA LYS A 9 -9.03 -20.11 8.70
C LYS A 9 -9.57 -19.34 9.87
N TYR A 10 -10.90 -19.33 9.98
CA TYR A 10 -11.54 -18.85 11.18
C TYR A 10 -12.08 -20.02 11.99
N ILE A 11 -12.36 -19.78 13.29
CA ILE A 11 -13.05 -20.86 14.00
C ILE A 11 -14.56 -20.71 13.80
N HIS A 12 -15.25 -21.85 13.85
CA HIS A 12 -16.68 -21.84 13.51
C HIS A 12 -17.34 -21.15 14.68
N PRO A 13 -18.44 -20.48 14.40
CA PRO A 13 -19.16 -19.99 15.59
C PRO A 13 -19.60 -21.08 16.56
N GLN A 14 -19.73 -22.33 15.99
CA GLN A 14 -20.36 -23.49 16.65
C GLN A 14 -19.36 -24.53 17.11
N ASN A 15 -19.00 -25.32 16.11
CA ASN A 15 -18.14 -26.40 16.55
C ASN A 15 -16.76 -25.78 16.75
N ASN A 16 -16.44 -25.59 17.99
CA ASN A 16 -15.23 -24.85 18.22
C ASN A 16 -13.97 -25.66 17.91
N SER A 17 -14.11 -26.67 17.04
CA SER A 17 -12.99 -27.19 16.29
C SER A 17 -13.45 -27.64 14.91
N ILE A 18 -14.35 -26.82 14.38
CA ILE A 18 -14.33 -26.77 12.94
C ILE A 18 -13.52 -25.50 12.73
N CYS A 19 -12.65 -25.55 11.72
CA CYS A 19 -12.16 -24.32 11.15
C CYS A 19 -12.57 -24.29 9.69
N CYS A 20 -12.64 -23.05 9.22
CA CYS A 20 -13.06 -22.83 7.85
C CYS A 20 -12.16 -21.80 7.16
N THR A 21 -11.89 -22.00 5.87
CA THR A 21 -11.17 -20.96 5.14
C THR A 21 -11.89 -19.61 5.20
N LYS A 22 -11.14 -18.51 5.07
CA LYS A 22 -11.84 -17.23 5.08
C LYS A 22 -12.42 -16.90 3.71
N CYS A 23 -13.57 -16.18 3.72
CA CYS A 23 -14.02 -15.58 2.47
C CYS A 23 -13.02 -14.60 1.89
N HIS A 24 -12.87 -14.74 0.57
CA HIS A 24 -11.89 -13.91 -0.10
C HIS A 24 -12.39 -12.47 -0.15
N LYS A 25 -11.44 -11.63 -0.64
CA LYS A 25 -11.93 -10.27 -0.84
C LYS A 25 -12.65 -10.19 -2.17
N GLY A 26 -13.77 -9.50 -2.09
CA GLY A 26 -14.70 -9.61 -3.19
C GLY A 26 -15.93 -10.36 -2.76
N THR A 27 -15.85 -11.01 -1.60
CA THR A 27 -16.87 -12.04 -1.41
C THR A 27 -17.24 -12.06 0.07
N TYR A 28 -18.50 -12.37 0.39
CA TYR A 28 -18.88 -12.52 1.79
C TYR A 28 -19.21 -13.97 2.08
N LEU A 29 -19.36 -14.15 3.40
CA LEU A 29 -19.98 -15.33 3.98
C LEU A 29 -21.43 -15.61 3.57
N TYR A 30 -21.61 -16.49 2.56
CA TYR A 30 -22.97 -16.99 2.34
C TYR A 30 -23.51 -17.87 3.45
N ASN A 31 -22.80 -19.02 3.68
CA ASN A 31 -22.98 -19.57 5.02
C ASN A 31 -21.72 -20.31 5.48
N ASP A 32 -21.57 -20.40 6.81
CA ASP A 32 -20.32 -20.85 7.40
C ASP A 32 -20.04 -22.28 6.96
N CYS A 33 -18.84 -22.78 7.27
CA CYS A 33 -18.57 -23.99 6.50
C CYS A 33 -18.92 -25.26 7.27
N PRO A 34 -19.53 -26.28 6.54
CA PRO A 34 -20.13 -27.49 7.21
C PRO A 34 -19.27 -28.37 8.11
N GLY A 35 -18.00 -28.44 7.79
CA GLY A 35 -17.17 -29.38 8.49
C GLY A 35 -15.94 -29.48 7.62
N PRO A 36 -14.84 -29.85 8.23
CA PRO A 36 -13.48 -29.65 7.64
C PRO A 36 -13.01 -30.21 6.29
N GLY A 37 -13.80 -30.12 5.26
CA GLY A 37 -13.16 -30.48 4.00
C GLY A 37 -14.04 -29.96 2.88
N GLN A 38 -14.96 -29.09 3.26
CA GLN A 38 -15.72 -28.47 2.21
C GLN A 38 -15.43 -26.98 2.37
N ASP A 39 -15.47 -26.18 1.27
CA ASP A 39 -15.14 -24.74 1.47
C ASP A 39 -16.22 -23.95 2.19
N THR A 40 -15.83 -22.80 2.76
CA THR A 40 -16.88 -21.94 3.32
C THR A 40 -17.74 -21.45 2.17
N ASP A 41 -19.00 -21.09 2.41
CA ASP A 41 -19.57 -20.65 1.15
C ASP A 41 -19.42 -19.15 1.00
N CYS A 42 -18.72 -18.70 -0.07
CA CYS A 42 -18.63 -17.27 -0.31
C CYS A 42 -19.24 -16.76 -1.60
N ARG A 43 -20.17 -15.82 -1.40
CA ARG A 43 -20.80 -15.32 -2.60
C ARG A 43 -20.15 -13.99 -2.89
N GLU A 44 -20.22 -13.65 -4.18
CA GLU A 44 -19.69 -12.38 -4.65
C GLU A 44 -20.32 -11.24 -3.86
N CYS A 45 -19.64 -10.11 -3.90
CA CYS A 45 -20.31 -8.95 -3.37
C CYS A 45 -21.23 -8.33 -4.41
N GLU A 46 -22.38 -7.90 -3.89
CA GLU A 46 -23.29 -7.06 -4.67
C GLU A 46 -22.61 -5.81 -5.27
N SER A 47 -23.11 -5.32 -6.42
CA SER A 47 -22.48 -4.15 -7.05
C SER A 47 -22.52 -2.87 -6.23
N GLY A 48 -21.43 -2.12 -6.29
CA GLY A 48 -21.43 -0.94 -5.43
C GLY A 48 -21.16 -1.34 -3.99
N SER A 49 -20.49 -2.49 -3.89
CA SER A 49 -20.07 -3.02 -2.61
C SER A 49 -18.77 -3.80 -2.84
N PHE A 50 -18.06 -3.95 -1.72
CA PHE A 50 -16.70 -4.47 -1.74
C PHE A 50 -16.42 -5.08 -0.38
N THR A 51 -15.25 -5.66 -0.19
CA THR A 51 -14.96 -5.93 1.21
C THR A 51 -13.47 -5.86 1.48
N ALA A 52 -12.83 -5.63 2.81
CA ALA A 52 -11.32 -5.77 2.78
C ALA A 52 -10.67 -6.79 1.85
N SER A 53 -10.59 -7.99 2.45
CA SER A 53 -9.48 -8.91 2.24
C SER A 53 -9.99 -10.20 2.85
N GLU A 54 -9.11 -10.96 3.57
CA GLU A 54 -9.58 -12.01 4.49
C GLU A 54 -10.84 -11.57 5.25
N ASN A 55 -12.05 -11.92 4.73
CA ASN A 55 -13.24 -11.75 5.57
C ASN A 55 -13.92 -13.04 5.99
N HIS A 56 -14.20 -13.11 7.31
CA HIS A 56 -15.31 -14.01 7.59
C HIS A 56 -16.57 -13.20 7.85
N LEU A 57 -17.07 -12.71 6.73
CA LEU A 57 -17.85 -11.55 7.02
C LEU A 57 -19.20 -11.56 6.31
N ARG A 58 -20.06 -11.37 7.27
CA ARG A 58 -21.45 -11.45 6.99
C ARG A 58 -21.94 -10.58 5.82
N HIS A 59 -21.47 -9.31 5.83
CA HIS A 59 -22.01 -8.37 4.83
C HIS A 59 -20.84 -7.75 4.07
N CYS A 60 -21.11 -7.27 2.84
CA CYS A 60 -20.05 -6.47 2.23
C CYS A 60 -20.14 -5.09 2.85
N LEU A 61 -19.04 -4.35 2.73
CA LEU A 61 -19.36 -3.00 3.05
C LEU A 61 -19.77 -2.31 1.75
N SER A 62 -20.66 -1.34 1.97
CA SER A 62 -21.10 -0.49 0.87
C SER A 62 -19.88 0.28 0.37
N CYS A 63 -19.86 0.54 -0.94
CA CYS A 63 -18.83 1.44 -1.51
C CYS A 63 -18.57 2.75 -0.78
N SER A 64 -17.67 3.53 -1.37
CA SER A 64 -17.64 4.88 -0.84
C SER A 64 -17.97 6.02 -1.81
N LYS A 65 -18.38 7.15 -1.22
CA LYS A 65 -18.62 8.37 -1.99
C LYS A 65 -17.43 9.31 -1.82
N CYS A 66 -16.95 9.83 -2.98
CA CYS A 66 -15.87 10.81 -2.86
C CYS A 66 -16.32 12.15 -2.28
N ARG A 67 -15.48 12.72 -1.43
CA ARG A 67 -15.97 13.97 -0.87
C ARG A 67 -15.75 15.18 -1.78
N LYS A 68 -16.81 15.62 -2.49
CA LYS A 68 -16.66 16.93 -3.16
C LYS A 68 -16.58 18.11 -2.19
N GLU A 69 -16.97 17.82 -0.96
CA GLU A 69 -16.66 18.73 0.12
C GLU A 69 -15.17 18.94 0.42
N MET A 70 -14.32 18.45 -0.49
CA MET A 70 -12.92 18.81 -0.42
C MET A 70 -12.19 18.63 -1.73
N GLY A 71 -12.97 18.67 -2.81
CA GLY A 71 -12.30 18.94 -4.08
C GLY A 71 -11.82 17.71 -4.83
N GLN A 72 -12.66 16.69 -4.64
CA GLN A 72 -12.25 15.38 -5.06
C GLN A 72 -12.94 14.98 -6.35
N VAL A 73 -12.47 13.84 -6.79
CA VAL A 73 -13.15 13.06 -7.80
C VAL A 73 -12.80 11.62 -7.48
N GLU A 74 -13.75 10.73 -7.76
CA GLU A 74 -13.35 9.32 -7.77
C GLU A 74 -12.30 9.10 -8.85
N ILE A 75 -11.07 8.87 -8.41
CA ILE A 75 -10.15 8.58 -9.49
C ILE A 75 -10.23 7.17 -10.05
N SER A 76 -10.90 6.25 -9.31
CA SER A 76 -11.13 4.90 -9.84
C SER A 76 -12.41 4.28 -9.28
N SER A 77 -12.95 3.35 -10.11
CA SER A 77 -14.17 2.65 -9.70
C SER A 77 -13.98 1.99 -8.35
N CYS A 78 -15.12 2.06 -7.67
CA CYS A 78 -15.26 1.11 -6.61
C CYS A 78 -15.69 -0.20 -7.27
N THR A 79 -14.95 -1.27 -6.92
CA THR A 79 -15.26 -2.60 -7.44
C THR A 79 -14.74 -3.64 -6.45
N VAL A 80 -15.74 -4.37 -5.88
CA VAL A 80 -15.67 -5.55 -5.01
C VAL A 80 -14.44 -5.85 -4.14
N ASP A 81 -13.26 -5.74 -4.73
CA ASP A 81 -12.09 -5.98 -3.92
C ASP A 81 -11.20 -4.78 -3.65
N ARG A 82 -11.78 -3.60 -3.92
CA ARG A 82 -11.07 -2.36 -3.66
C ARG A 82 -12.15 -1.30 -3.56
N ASP A 83 -11.94 -0.29 -2.69
CA ASP A 83 -12.95 0.78 -2.54
C ASP A 83 -12.88 1.73 -3.73
N THR A 84 -13.94 2.53 -3.88
CA THR A 84 -13.83 3.77 -4.63
C THR A 84 -12.64 4.60 -4.15
N VAL A 85 -11.69 4.83 -5.07
CA VAL A 85 -10.63 5.74 -4.60
C VAL A 85 -10.79 7.12 -5.21
N CYS A 86 -10.41 8.11 -4.43
CA CYS A 86 -10.69 9.44 -4.93
C CYS A 86 -9.39 10.19 -5.13
N GLY A 87 -9.49 11.50 -5.36
CA GLY A 87 -8.31 12.35 -5.26
C GLY A 87 -8.66 13.74 -5.73
N CYS A 88 -7.61 14.59 -5.77
CA CYS A 88 -7.76 15.92 -6.34
C CYS A 88 -7.52 15.96 -7.85
N ARG A 89 -8.33 16.83 -8.47
CA ARG A 89 -8.25 17.04 -9.92
C ARG A 89 -6.86 17.54 -10.35
N LYS A 90 -6.47 17.24 -11.61
CA LYS A 90 -5.11 17.56 -12.11
C LYS A 90 -4.88 19.05 -12.33
N ASN A 91 -3.88 19.64 -11.67
CA ASN A 91 -3.28 19.02 -10.50
C ASN A 91 -3.42 20.02 -9.38
N GLN A 92 -4.13 19.53 -8.38
CA GLN A 92 -4.13 20.21 -7.11
C GLN A 92 -3.26 19.36 -6.20
N TYR A 93 -2.75 19.91 -5.12
CA TYR A 93 -2.05 18.99 -4.25
C TYR A 93 -2.96 18.55 -3.11
N ARG A 94 -2.67 17.40 -2.51
CA ARG A 94 -3.69 16.91 -1.60
C ARG A 94 -3.25 17.08 -0.15
N HIS A 95 -4.16 17.68 0.62
CA HIS A 95 -3.70 17.88 1.98
C HIS A 95 -4.48 17.07 3.01
N TYR A 96 -3.80 16.00 3.50
CA TYR A 96 -4.36 15.15 4.57
C TYR A 96 -4.59 15.96 5.85
N TRP A 97 -5.73 16.64 5.87
CA TRP A 97 -6.18 17.10 7.16
C TRP A 97 -6.65 15.97 8.08
N SER A 98 -5.63 15.31 8.63
CA SER A 98 -5.75 14.13 9.48
C SER A 98 -6.00 12.82 8.75
N GLU A 99 -5.16 12.62 7.70
CA GLU A 99 -4.92 11.30 7.09
C GLU A 99 -6.11 10.57 6.47
N ASN A 100 -7.25 11.25 6.52
CA ASN A 100 -8.54 10.56 6.46
C ASN A 100 -9.57 11.62 6.13
N LEU A 101 -9.40 12.79 6.80
CA LEU A 101 -9.88 13.99 6.12
C LEU A 101 -8.67 14.48 5.33
N PHE A 102 -8.93 15.04 4.13
CA PHE A 102 -7.90 15.56 3.23
C PHE A 102 -8.55 16.51 2.23
N GLN A 103 -7.75 17.48 1.76
CA GLN A 103 -8.30 18.64 1.06
C GLN A 103 -7.77 18.70 -0.36
N CYS A 104 -8.50 19.49 -1.15
CA CYS A 104 -7.85 19.98 -2.36
C CYS A 104 -7.55 21.47 -2.48
N PHE A 105 -6.29 21.63 -2.83
CA PHE A 105 -5.56 22.86 -2.60
C PHE A 105 -4.80 23.03 -3.90
N ASN A 106 -4.54 24.29 -4.29
CA ASN A 106 -4.12 24.16 -5.65
C ASN A 106 -2.61 24.08 -5.75
N CYS A 107 -2.19 23.57 -6.89
CA CYS A 107 -0.78 23.77 -7.14
C CYS A 107 -0.46 25.27 -7.20
N SER A 108 0.80 25.64 -6.93
CA SER A 108 1.15 27.04 -7.18
C SER A 108 1.68 27.33 -8.58
N LEU A 109 1.00 28.26 -9.32
CA LEU A 109 1.60 28.93 -10.50
C LEU A 109 2.82 29.62 -9.89
N CYS A 110 4.03 29.37 -10.40
CA CYS A 110 5.08 29.37 -9.39
C CYS A 110 5.15 30.60 -8.49
N LEU A 111 4.70 30.37 -7.26
CA LEU A 111 4.58 31.59 -6.50
C LEU A 111 5.94 32.03 -5.97
N ASN A 112 6.09 33.36 -6.05
CA ASN A 112 7.26 34.12 -5.58
C ASN A 112 8.51 34.01 -6.47
N GLY A 113 8.45 33.17 -7.49
CA GLY A 113 9.68 33.10 -8.26
C GLY A 113 9.61 32.00 -9.28
N THR A 114 10.63 31.16 -9.28
CA THR A 114 10.54 30.17 -10.33
C THR A 114 10.42 28.75 -9.77
N VAL A 115 9.97 27.90 -10.67
CA VAL A 115 9.62 26.53 -10.36
C VAL A 115 10.81 25.63 -10.01
N HIS A 116 10.77 25.19 -8.75
CA HIS A 116 11.75 24.20 -8.31
C HIS A 116 11.15 22.81 -8.46
N LEU A 117 10.31 22.49 -7.45
CA LEU A 117 9.70 21.16 -7.50
C LEU A 117 8.36 21.30 -8.20
N SER A 118 8.27 20.63 -9.35
CA SER A 118 6.97 20.46 -9.98
C SER A 118 5.91 19.95 -9.01
N CYS A 119 4.68 20.25 -9.34
CA CYS A 119 3.69 19.98 -8.31
C CYS A 119 2.93 18.75 -8.75
N GLN A 120 2.35 18.08 -7.74
CA GLN A 120 1.79 16.75 -7.92
C GLN A 120 0.90 16.27 -6.78
N GLU A 121 0.21 15.18 -7.14
CA GLU A 121 -0.67 14.38 -6.29
C GLU A 121 -0.46 14.47 -4.79
N LYS A 122 0.78 14.28 -4.38
CA LYS A 122 0.94 14.44 -2.96
C LYS A 122 0.95 15.91 -2.57
N GLN A 123 1.94 16.63 -3.20
CA GLN A 123 2.52 17.90 -2.72
C GLN A 123 2.50 19.03 -3.75
N ASN A 124 2.62 20.25 -3.20
CA ASN A 124 2.54 21.47 -4.03
C ASN A 124 3.81 21.67 -4.86
N THR A 125 3.79 22.69 -5.71
CA THR A 125 5.08 23.08 -6.26
C THR A 125 5.93 23.64 -5.13
N VAL A 126 7.23 23.53 -5.30
CA VAL A 126 8.02 24.42 -4.45
C VAL A 126 8.72 25.35 -5.43
N CYS A 127 8.80 26.66 -5.06
CA CYS A 127 9.47 27.62 -5.94
C CYS A 127 10.66 28.25 -5.22
N THR A 128 11.35 29.11 -5.97
CA THR A 128 12.23 29.98 -5.24
C THR A 128 12.14 31.41 -5.75
N CYS A 129 11.98 32.28 -4.74
CA CYS A 129 11.81 33.72 -4.85
C CYS A 129 12.87 34.41 -5.72
N HIS A 130 12.35 35.13 -6.75
CA HIS A 130 13.24 35.93 -7.61
C HIS A 130 13.59 37.30 -7.04
N ALA A 131 13.99 37.23 -5.75
CA ALA A 131 14.04 38.34 -4.80
C ALA A 131 14.35 37.68 -3.46
N GLY A 132 15.64 37.34 -3.40
CA GLY A 132 16.05 36.49 -2.30
C GLY A 132 15.95 37.19 -0.97
N PHE A 133 14.79 36.95 -0.34
CA PHE A 133 14.77 36.94 1.12
C PHE A 133 15.15 35.55 1.61
N PHE A 134 14.68 35.12 2.81
CA PHE A 134 15.24 33.88 3.35
C PHE A 134 14.30 33.09 4.26
N LEU A 135 13.24 32.59 3.60
CA LEU A 135 12.10 31.93 4.25
C LEU A 135 11.82 32.33 5.70
N ARG A 136 11.25 33.52 5.80
CA ARG A 136 10.65 33.66 7.10
C ARG A 136 9.29 32.97 7.17
N GLU A 137 9.33 31.76 7.78
CA GLU A 137 8.17 30.84 7.92
C GLU A 137 7.70 30.36 6.55
N ASN A 138 6.98 31.30 5.90
CA ASN A 138 6.19 31.02 4.70
C ASN A 138 5.87 32.31 3.96
N GLU A 139 6.93 32.90 3.39
CA GLU A 139 6.65 33.97 2.42
C GLU A 139 7.79 34.05 1.40
N CYS A 140 8.62 35.12 1.47
CA CYS A 140 9.97 34.97 0.95
C CYS A 140 10.88 35.24 2.14
N VAL B 4 -16.40 -17.87 -15.44
CA VAL B 4 -15.25 -18.73 -15.12
C VAL B 4 -15.38 -18.92 -13.61
N CYS B 5 -14.34 -19.41 -12.94
CA CYS B 5 -14.46 -19.50 -11.49
C CYS B 5 -14.66 -18.12 -10.88
N PRO B 6 -15.76 -17.96 -10.15
CA PRO B 6 -16.03 -16.59 -9.66
C PRO B 6 -14.96 -16.12 -8.69
N GLN B 7 -15.34 -15.04 -8.01
CA GLN B 7 -14.27 -14.42 -7.26
C GLN B 7 -13.65 -15.36 -6.25
N GLY B 8 -12.41 -15.63 -6.56
CA GLY B 8 -11.69 -16.24 -5.50
C GLY B 8 -11.71 -17.73 -5.70
N LYS B 9 -12.25 -18.13 -6.83
CA LYS B 9 -11.97 -19.52 -7.09
C LYS B 9 -11.08 -19.55 -8.33
N TYR B 10 -10.32 -20.66 -8.50
CA TYR B 10 -9.50 -20.93 -9.68
C TYR B 10 -9.93 -22.18 -10.43
N ILE B 11 -9.32 -22.36 -11.58
CA ILE B 11 -9.69 -23.56 -12.29
C ILE B 11 -8.89 -24.79 -11.86
N HIS B 12 -9.63 -25.87 -11.55
CA HIS B 12 -8.95 -27.15 -11.32
C HIS B 12 -8.21 -27.56 -12.59
N PRO B 13 -6.89 -27.71 -12.44
CA PRO B 13 -6.15 -28.25 -13.60
C PRO B 13 -6.80 -29.51 -14.17
N GLN B 14 -7.06 -30.47 -13.24
CA GLN B 14 -7.49 -31.80 -13.65
C GLN B 14 -8.86 -31.79 -14.34
N ASN B 15 -9.72 -30.97 -13.78
CA ASN B 15 -11.03 -30.95 -14.41
C ASN B 15 -11.43 -29.48 -14.37
N ASN B 16 -11.31 -28.97 -15.57
CA ASN B 16 -11.79 -27.67 -16.05
C ASN B 16 -13.30 -27.50 -15.97
N SER B 17 -13.84 -27.89 -14.83
CA SER B 17 -15.24 -27.70 -14.55
C SER B 17 -15.43 -27.60 -13.04
N ILE B 18 -14.29 -27.58 -12.35
CA ILE B 18 -14.44 -27.53 -10.91
C ILE B 18 -13.66 -26.33 -10.42
N CYS B 19 -14.28 -25.57 -9.52
CA CYS B 19 -13.59 -24.37 -9.15
C CYS B 19 -13.27 -24.33 -7.66
N CYS B 20 -11.98 -24.36 -7.37
CA CYS B 20 -11.67 -24.36 -5.95
C CYS B 20 -11.35 -22.97 -5.41
N THR B 21 -11.61 -22.70 -4.13
CA THR B 21 -11.07 -21.50 -3.49
C THR B 21 -9.58 -21.30 -3.79
N LYS B 22 -9.17 -20.03 -3.88
CA LYS B 22 -7.73 -19.81 -4.01
C LYS B 22 -7.18 -19.83 -2.59
N CYS B 23 -5.89 -20.20 -2.47
CA CYS B 23 -5.35 -20.20 -1.10
C CYS B 23 -5.43 -18.86 -0.37
N HIS B 24 -4.81 -18.70 0.80
CA HIS B 24 -4.81 -17.36 1.37
C HIS B 24 -3.37 -16.89 1.51
N LYS B 25 -3.26 -15.62 1.93
CA LYS B 25 -1.91 -15.10 2.03
C LYS B 25 -1.23 -15.89 3.14
N GLY B 26 -0.01 -16.26 2.86
CA GLY B 26 0.55 -17.10 3.89
C GLY B 26 0.55 -18.59 3.60
N THR B 27 -0.32 -19.05 2.71
CA THR B 27 -0.43 -20.50 2.68
C THR B 27 -0.19 -21.03 1.27
N TYR B 28 0.54 -22.11 1.11
CA TYR B 28 0.39 -22.63 -0.22
C TYR B 28 -0.77 -23.59 -0.34
N LEU B 29 -0.98 -23.92 -1.59
CA LEU B 29 -1.72 -25.07 -2.07
C LEU B 29 -0.84 -26.31 -1.94
N TYR B 30 -1.28 -27.23 -1.05
CA TYR B 30 -0.67 -28.56 -0.89
C TYR B 30 -1.39 -29.57 -1.77
N ASN B 31 -2.73 -29.35 -1.88
CA ASN B 31 -3.38 -29.86 -3.06
C ASN B 31 -4.78 -29.37 -3.43
N ASP B 32 -5.06 -29.61 -4.70
CA ASP B 32 -6.23 -28.98 -5.28
C ASP B 32 -7.50 -29.70 -4.88
N CYS B 33 -8.50 -28.88 -4.63
CA CYS B 33 -9.65 -29.43 -3.95
C CYS B 33 -10.34 -30.46 -4.83
N PRO B 34 -10.80 -31.55 -4.17
CA PRO B 34 -11.25 -32.69 -4.98
C PRO B 34 -12.73 -32.51 -5.25
N GLY B 35 -13.06 -31.69 -6.22
CA GLY B 35 -14.46 -31.71 -6.55
C GLY B 35 -15.19 -30.61 -5.81
N PRO B 36 -16.29 -30.18 -6.44
CA PRO B 36 -16.93 -28.93 -5.94
C PRO B 36 -17.25 -29.08 -4.46
N GLY B 37 -17.56 -27.95 -3.85
CA GLY B 37 -17.84 -28.17 -2.45
C GLY B 37 -16.57 -28.41 -1.64
N GLN B 38 -15.48 -28.73 -2.30
CA GLN B 38 -14.48 -29.22 -1.37
C GLN B 38 -13.40 -28.19 -1.05
N ASP B 39 -12.86 -28.28 0.19
CA ASP B 39 -11.77 -27.39 0.49
C ASP B 39 -10.47 -27.76 -0.21
N THR B 40 -9.70 -26.70 -0.44
CA THR B 40 -8.37 -26.77 -1.02
C THR B 40 -7.31 -26.89 0.09
N ASP B 41 -6.28 -27.68 -0.19
CA ASP B 41 -5.48 -27.92 1.01
C ASP B 41 -4.47 -26.81 1.22
N CYS B 42 -4.88 -25.78 1.95
CA CYS B 42 -3.79 -24.83 2.02
C CYS B 42 -2.98 -24.90 3.30
N ARG B 43 -1.80 -25.39 3.01
CA ARG B 43 -0.91 -25.46 4.14
C ARG B 43 0.05 -24.27 4.14
N GLU B 44 0.24 -23.75 5.36
CA GLU B 44 0.99 -22.52 5.62
C GLU B 44 2.45 -22.56 5.19
N CYS B 45 3.01 -21.36 5.06
CA CYS B 45 4.38 -21.21 4.59
C CYS B 45 5.45 -21.54 5.63
N GLU B 46 6.38 -22.41 5.21
CA GLU B 46 7.49 -22.63 6.12
C GLU B 46 8.25 -21.33 6.19
N SER B 47 8.28 -20.75 7.38
CA SER B 47 9.20 -19.63 7.56
C SER B 47 10.64 -20.08 7.29
N GLY B 48 11.47 -19.20 6.67
CA GLY B 48 11.09 -17.85 6.27
C GLY B 48 10.65 -17.69 4.82
N SER B 49 9.34 -17.53 4.69
CA SER B 49 8.83 -17.38 3.36
C SER B 49 7.46 -16.75 3.52
N PHE B 50 6.88 -16.45 2.36
CA PHE B 50 5.61 -15.75 2.37
C PHE B 50 4.89 -16.03 1.05
N THR B 51 3.62 -15.71 1.06
CA THR B 51 3.04 -15.23 -0.16
C THR B 51 2.16 -14.02 0.17
N ALA B 52 2.10 -13.16 -0.85
CA ALA B 52 1.61 -11.90 -0.44
C ALA B 52 0.09 -11.89 -0.43
N SER B 53 -0.52 -12.79 -1.25
CA SER B 53 -1.90 -12.56 -1.71
C SER B 53 -2.68 -13.86 -1.94
N GLU B 54 -3.97 -13.71 -2.36
CA GLU B 54 -4.60 -14.90 -2.98
C GLU B 54 -3.69 -15.42 -4.09
N ASN B 55 -3.74 -16.75 -4.26
CA ASN B 55 -2.68 -17.40 -5.00
C ASN B 55 -3.04 -18.86 -5.14
N HIS B 56 -2.26 -19.58 -5.94
CA HIS B 56 -2.48 -20.99 -5.80
C HIS B 56 -1.20 -21.77 -6.02
N LEU B 57 -0.28 -21.22 -5.27
CA LEU B 57 1.11 -21.34 -5.67
C LEU B 57 1.72 -22.63 -5.14
N ARG B 58 2.52 -23.27 -5.97
CA ARG B 58 2.97 -24.44 -5.29
C ARG B 58 4.05 -24.20 -4.25
N HIS B 59 4.58 -22.97 -4.20
CA HIS B 59 5.53 -22.81 -3.10
C HIS B 59 5.46 -21.34 -2.70
N CYS B 60 6.06 -21.07 -1.56
CA CYS B 60 6.10 -19.67 -1.18
C CYS B 60 7.36 -19.08 -1.81
N LEU B 61 7.36 -17.75 -1.82
CA LEU B 61 8.54 -17.11 -2.35
C LEU B 61 9.41 -16.89 -1.11
N SER B 62 10.71 -17.13 -1.23
CA SER B 62 11.54 -16.97 -0.03
C SER B 62 11.55 -15.55 0.55
N CYS B 63 12.00 -15.42 1.82
CA CYS B 63 12.31 -14.02 2.16
C CYS B 63 13.44 -13.45 1.30
N SER B 64 13.26 -12.18 0.84
CA SER B 64 14.34 -11.39 0.22
C SER B 64 14.98 -10.50 1.29
N LYS B 65 16.30 -10.57 1.38
CA LYS B 65 16.84 -9.61 2.33
C LYS B 65 17.08 -8.28 1.62
N CYS B 66 17.36 -7.22 2.43
CA CYS B 66 17.58 -5.89 1.87
C CYS B 66 18.88 -5.74 1.08
N ARG B 67 18.79 -4.90 0.04
CA ARG B 67 19.98 -4.67 -0.74
C ARG B 67 20.80 -3.69 0.10
N LYS B 68 21.65 -4.31 0.93
CA LYS B 68 22.23 -3.48 1.96
C LYS B 68 23.41 -2.61 1.55
N GLU B 69 23.91 -2.94 0.33
CA GLU B 69 24.79 -2.04 -0.45
C GLU B 69 24.29 -0.61 -0.59
N MET B 70 23.00 -0.47 -0.34
CA MET B 70 22.41 0.83 -0.47
C MET B 70 22.10 1.42 0.90
N GLY B 71 22.93 1.01 1.89
CA GLY B 71 22.79 1.60 3.22
C GLY B 71 21.35 1.49 3.67
N GLN B 72 20.88 0.25 3.54
CA GLN B 72 19.49 -0.05 3.84
C GLN B 72 19.37 -0.69 5.22
N VAL B 73 18.14 -0.60 5.78
CA VAL B 73 17.67 -1.57 6.77
C VAL B 73 16.17 -1.82 6.62
N GLU B 74 15.85 -3.10 6.69
CA GLU B 74 14.43 -3.43 6.79
C GLU B 74 13.89 -3.13 8.18
N ILE B 75 12.60 -2.96 8.17
CA ILE B 75 12.00 -2.46 9.37
C ILE B 75 10.62 -3.03 9.70
N SER B 76 10.19 -4.00 8.89
CA SER B 76 9.30 -5.05 9.40
C SER B 76 9.53 -6.34 8.62
N SER B 77 9.63 -7.40 9.43
CA SER B 77 10.27 -8.62 8.97
C SER B 77 9.38 -9.49 8.08
N CYS B 78 10.04 -10.41 7.35
CA CYS B 78 9.28 -11.13 6.34
C CYS B 78 8.64 -12.31 7.03
N THR B 79 7.36 -12.44 6.73
CA THR B 79 6.51 -13.15 7.63
C THR B 79 5.23 -13.54 6.91
N VAL B 80 5.21 -14.74 6.30
CA VAL B 80 4.07 -15.37 5.63
C VAL B 80 3.14 -14.62 4.68
N ASP B 81 2.69 -13.44 5.03
CA ASP B 81 2.17 -12.55 4.00
C ASP B 81 3.21 -11.53 3.50
N ARG B 82 3.87 -10.95 4.51
CA ARG B 82 4.71 -9.78 4.29
C ARG B 82 6.08 -10.24 3.81
N ASP B 83 6.41 -9.87 2.58
CA ASP B 83 7.86 -9.79 2.36
C ASP B 83 8.33 -8.60 3.18
N THR B 84 9.56 -8.72 3.60
CA THR B 84 10.21 -7.65 4.33
C THR B 84 9.88 -6.27 3.79
N VAL B 85 9.75 -5.30 4.70
CA VAL B 85 9.86 -3.98 4.10
C VAL B 85 11.18 -3.35 4.48
N CYS B 86 11.98 -3.01 3.49
CA CYS B 86 13.14 -2.25 3.94
C CYS B 86 12.79 -0.77 3.82
N GLY B 87 13.52 0.05 4.55
CA GLY B 87 13.10 1.44 4.53
C GLY B 87 14.27 2.20 5.09
N CYS B 88 14.01 3.45 5.47
CA CYS B 88 15.29 4.08 5.68
C CYS B 88 15.83 4.34 7.07
N ARG B 89 17.12 3.99 7.12
CA ARG B 89 17.81 3.99 8.40
C ARG B 89 17.55 5.28 9.16
N LYS B 90 17.66 5.24 10.50
CA LYS B 90 17.46 6.44 11.34
C LYS B 90 17.58 7.82 10.70
N ASN B 91 16.49 8.21 10.03
CA ASN B 91 16.46 9.53 9.38
C ASN B 91 17.58 9.95 8.44
N GLN B 92 17.81 9.02 7.52
CA GLN B 92 18.46 9.34 6.24
C GLN B 92 17.32 9.45 5.23
N TYR B 93 17.54 9.37 3.90
CA TYR B 93 16.34 9.51 3.05
C TYR B 93 16.22 8.55 1.87
N ARG B 94 14.98 8.31 1.45
CA ARG B 94 14.91 7.13 0.61
C ARG B 94 14.99 7.46 -0.87
N HIS B 95 16.22 7.50 -1.32
CA HIS B 95 16.29 7.86 -2.71
C HIS B 95 16.12 6.67 -3.65
N TYR B 96 14.91 6.62 -4.19
CA TYR B 96 14.72 5.59 -5.18
C TYR B 96 15.50 5.87 -6.46
N TRP B 97 16.67 5.24 -6.61
CA TRP B 97 17.23 5.43 -7.95
C TRP B 97 17.75 4.17 -8.62
N SER B 98 17.23 3.87 -9.81
CA SER B 98 15.85 4.16 -10.14
C SER B 98 15.01 3.16 -9.37
N GLU B 99 13.74 3.46 -9.08
CA GLU B 99 13.06 2.31 -8.51
C GLU B 99 12.94 1.21 -9.56
N ASN B 100 13.10 -0.06 -9.12
CA ASN B 100 13.11 -0.46 -7.70
C ASN B 100 14.43 -0.78 -6.98
N LEU B 101 15.55 -0.21 -7.41
CA LEU B 101 16.58 -0.14 -6.37
C LEU B 101 16.37 1.21 -5.72
N PHE B 102 16.93 1.36 -4.52
CA PHE B 102 17.01 2.69 -3.97
C PHE B 102 18.17 2.70 -2.99
N GLN B 103 18.60 3.89 -2.58
CA GLN B 103 19.40 3.91 -1.37
C GLN B 103 18.98 5.01 -0.41
N CYS B 104 19.38 4.75 0.84
CA CYS B 104 19.28 5.85 1.79
C CYS B 104 20.53 6.72 1.63
N PHE B 105 20.33 7.96 1.10
CA PHE B 105 21.49 8.86 1.26
C PHE B 105 21.37 9.48 2.65
N ASN B 106 22.39 10.27 3.05
CA ASN B 106 22.14 10.87 4.36
C ASN B 106 21.28 12.12 4.27
N CYS B 107 20.49 12.40 5.32
CA CYS B 107 19.75 13.64 5.25
C CYS B 107 20.66 14.86 5.28
N SER B 108 20.55 15.67 4.24
CA SER B 108 21.33 16.90 4.29
C SER B 108 20.60 17.99 5.05
N LEU B 109 21.23 18.43 6.15
CA LEU B 109 20.84 19.75 6.66
C LEU B 109 21.29 20.83 5.69
N CYS B 110 20.62 22.00 5.67
CA CYS B 110 20.99 22.94 4.61
C CYS B 110 22.38 23.55 4.65
N LEU B 111 22.93 23.73 3.43
CA LEU B 111 24.24 24.36 3.34
C LEU B 111 24.10 25.88 3.41
N ASN B 112 23.77 26.27 4.65
CA ASN B 112 23.34 27.60 5.05
C ASN B 112 22.29 28.31 4.20
N GLY B 113 21.09 27.80 4.40
CA GLY B 113 19.95 28.57 3.90
C GLY B 113 18.89 28.48 4.96
N THR B 114 17.73 29.00 4.62
CA THR B 114 16.60 28.66 5.45
C THR B 114 15.84 27.42 4.97
N VAL B 115 15.79 26.48 5.95
CA VAL B 115 15.00 25.26 5.92
C VAL B 115 13.64 25.54 5.28
N HIS B 116 13.36 24.83 4.20
CA HIS B 116 11.94 24.75 3.91
C HIS B 116 11.35 23.42 4.37
N LEU B 117 11.44 22.40 3.48
CA LEU B 117 10.80 21.14 3.85
C LEU B 117 11.78 20.39 4.75
N SER B 118 11.23 19.75 5.79
CA SER B 118 12.20 18.96 6.56
C SER B 118 12.38 17.57 5.99
N CYS B 119 13.52 16.96 6.35
CA CYS B 119 13.87 15.69 5.72
C CYS B 119 12.90 14.56 6.04
N GLN B 120 12.48 13.93 4.93
CA GLN B 120 11.27 13.13 4.90
C GLN B 120 11.49 11.92 3.99
N GLU B 121 10.72 10.84 4.22
CA GLU B 121 11.15 9.59 3.56
C GLU B 121 11.27 9.59 2.04
N LYS B 122 10.41 10.37 1.37
CA LYS B 122 10.75 10.50 -0.06
C LYS B 122 11.83 11.53 -0.45
N GLN B 123 11.93 12.62 0.36
CA GLN B 123 12.78 13.74 -0.04
C GLN B 123 13.74 14.22 1.05
N ASN B 124 14.92 14.62 0.57
CA ASN B 124 15.88 15.26 1.48
C ASN B 124 15.29 16.53 2.08
N THR B 125 15.93 17.10 3.12
CA THR B 125 15.52 18.43 3.54
C THR B 125 15.50 19.37 2.34
N VAL B 126 14.58 20.34 2.28
CA VAL B 126 14.58 21.19 1.08
C VAL B 126 15.02 22.61 1.46
N CYS B 127 15.91 23.22 0.67
CA CYS B 127 16.43 24.52 1.09
C CYS B 127 15.94 25.69 0.24
N THR B 128 15.81 26.84 0.92
CA THR B 128 15.98 28.10 0.20
C THR B 128 16.94 28.95 1.03
N CYS B 129 17.46 30.07 0.53
CA CYS B 129 18.73 30.38 1.18
C CYS B 129 18.88 31.73 1.88
N HIS B 130 19.95 31.74 2.72
CA HIS B 130 20.35 32.97 3.43
C HIS B 130 21.05 33.97 2.51
N ALA B 131 20.74 35.25 2.80
CA ALA B 131 21.46 36.41 2.25
C ALA B 131 21.60 36.48 0.73
N GLY B 132 20.48 36.17 0.06
CA GLY B 132 20.46 36.33 -1.38
C GLY B 132 21.46 35.49 -2.18
N PHE B 133 21.84 34.34 -1.59
CA PHE B 133 22.70 33.45 -2.36
C PHE B 133 21.92 32.71 -3.44
N PHE B 134 22.66 32.39 -4.51
CA PHE B 134 22.07 31.55 -5.54
C PHE B 134 21.86 30.11 -5.07
N LEU B 135 20.58 29.79 -5.26
CA LEU B 135 19.98 28.62 -4.62
C LEU B 135 20.44 27.35 -5.33
N ARG B 136 20.84 26.33 -4.55
CA ARG B 136 21.23 25.10 -5.22
C ARG B 136 20.97 23.82 -4.42
N GLU B 137 19.70 23.39 -4.48
CA GLU B 137 19.21 22.17 -3.83
C GLU B 137 19.35 22.19 -2.31
N ASN B 138 20.57 21.80 -1.91
CA ASN B 138 20.92 21.94 -0.51
C ASN B 138 21.76 23.20 -0.32
N GLU B 139 22.65 23.30 -1.31
CA GLU B 139 23.74 24.23 -1.20
C GLU B 139 23.23 25.66 -1.37
N CYS B 140 23.89 26.54 -0.62
CA CYS B 140 23.66 27.93 -0.92
C CYS B 140 24.90 28.63 -1.50
N VAL B 141 24.96 28.60 -2.85
CA VAL B 141 26.20 29.06 -3.48
C VAL B 141 26.02 30.45 -4.10
N SER B 142 26.83 31.42 -3.64
CA SER B 142 26.60 32.83 -4.00
C SER B 142 26.15 33.14 -5.43
N CYS B 143 26.98 32.75 -6.40
CA CYS B 143 26.62 32.92 -7.80
C CYS B 143 27.60 32.16 -8.69
N SER B 144 27.86 32.65 -9.92
CA SER B 144 28.68 31.82 -10.80
C SER B 144 30.12 31.66 -10.32
N ASN B 145 30.50 32.69 -9.53
CA ASN B 145 30.87 32.43 -8.15
C ASN B 145 30.11 33.48 -7.34
#